data_6AFG
#
_entry.id   6AFG
#
_cell.length_a   75.450
_cell.length_b   75.450
_cell.length_c   75.640
_cell.angle_alpha   90.00
_cell.angle_beta   90.00
_cell.angle_gamma   120.00
#
_symmetry.space_group_name_H-M   'P 31 2 1'
#
loop_
_entity.id
_entity.type
_entity.pdbx_description
1 polymer 'Protein/nucleic acid deglycase DJ-1'
2 non-polymer 1-methylindole-2,3-dione
3 water water
#
_entity_poly.entity_id   1
_entity_poly.type   'polypeptide(L)'
_entity_poly.pdbx_seq_one_letter_code
;MASKRALVILAKGAEEMETVIPVDVMRRAGIKVTVAGLAGKDPVQCSRDVVICPDASLEDAKKEGPYDVVVLPGGNLGAQ
NLSESAAVKEILKEQENRKGLIAAICAGPTALLAHEIGFGSKVTTHPLAKDKMMNGGHYTYSENRVEKDGLILTSRGPGT
SFEFALAIVEALNGKEVAAQVKAPLVLKD
;
_entity_poly.pdbx_strand_id   A
#
# COMPACT_ATOMS: atom_id res chain seq x y z
N ALA A 2 4.71 -20.99 6.01
CA ALA A 2 5.45 -19.77 6.45
C ALA A 2 4.52 -18.58 6.36
N SER A 3 4.56 -17.72 7.36
CA SER A 3 3.74 -16.56 7.34
C SER A 3 4.18 -15.65 6.20
N LYS A 4 3.19 -15.06 5.56
CA LYS A 4 3.45 -13.98 4.62
C LYS A 4 3.92 -12.74 5.39
N ARG A 5 4.63 -11.87 4.67
CA ARG A 5 5.28 -10.70 5.22
C ARG A 5 4.88 -9.46 4.38
N ALA A 6 4.55 -8.40 5.09
CA ALA A 6 4.18 -7.12 4.50
C ALA A 6 5.08 -5.98 4.99
N LEU A 7 5.49 -5.14 4.04
CA LEU A 7 6.20 -3.92 4.33
C LEU A 7 5.27 -2.74 4.09
N VAL A 8 5.04 -1.94 5.12
CA VAL A 8 4.20 -0.74 5.03
C VAL A 8 5.13 0.46 5.22
N ILE A 9 5.28 1.26 4.18
CA ILE A 9 6.21 2.40 4.22
C ILE A 9 5.52 3.66 4.72
N LEU A 10 6.00 4.16 5.85
CA LEU A 10 5.38 5.24 6.61
C LEU A 10 6.24 6.52 6.54
N ALA A 11 5.72 7.50 5.82
CA ALA A 11 6.32 8.83 5.64
C ALA A 11 5.53 9.93 6.34
N LYS A 12 6.20 11.01 6.72
CA LYS A 12 5.52 12.19 7.23
C LYS A 12 4.42 12.59 6.27
N GLY A 13 3.26 12.89 6.84
CA GLY A 13 2.11 13.28 6.06
C GLY A 13 1.29 12.11 5.50
N ALA A 14 1.66 10.89 5.83
CA ALA A 14 0.81 9.72 5.49
C ALA A 14 -0.56 9.88 6.14
N GLU A 15 -1.57 9.36 5.46
CA GLU A 15 -2.91 9.32 6.03
C GLU A 15 -2.94 8.17 7.06
N GLU A 16 -3.13 8.54 8.31
CA GLU A 16 -3.00 7.57 9.40
C GLU A 16 -4.06 6.47 9.35
N MET A 17 -5.27 6.78 8.86
CA MET A 17 -6.28 5.74 8.74
C MET A 17 -5.85 4.70 7.70
N GLU A 18 -5.29 5.18 6.59
CA GLU A 18 -4.83 4.31 5.51
C GLU A 18 -3.58 3.51 5.86
N THR A 19 -2.91 3.94 6.92
CA THR A 19 -1.76 3.22 7.47
C THR A 19 -2.24 2.15 8.46
N VAL A 20 -3.04 2.60 9.44
CA VAL A 20 -3.43 1.72 10.54
C VAL A 20 -4.43 0.63 10.14
N ILE A 21 -5.39 0.95 9.27
CA ILE A 21 -6.38 -0.06 8.93
C ILE A 21 -5.69 -1.26 8.23
N PRO A 22 -4.84 -1.02 7.22
CA PRO A 22 -4.20 -2.18 6.61
C PRO A 22 -3.24 -2.93 7.54
N VAL A 23 -2.48 -2.21 8.36
CA VAL A 23 -1.57 -2.86 9.31
C VAL A 23 -2.36 -3.79 10.24
N ASP A 24 -3.43 -3.26 10.80
CA ASP A 24 -4.25 -4.00 11.77
C ASP A 24 -4.91 -5.22 11.10
N VAL A 25 -5.61 -4.98 9.98
CA VAL A 25 -6.31 -6.04 9.30
C VAL A 25 -5.32 -7.14 8.85
N MET A 26 -4.16 -6.74 8.33
CA MET A 26 -3.17 -7.74 7.90
C MET A 26 -2.67 -8.57 9.09
N ARG A 27 -2.44 -7.91 10.22
CA ARG A 27 -2.04 -8.66 11.43
C ARG A 27 -3.12 -9.59 11.92
N ARG A 28 -4.38 -9.17 11.83
CA ARG A 28 -5.49 -10.07 12.12
C ARG A 28 -5.49 -11.33 11.25
N ALA A 29 -4.99 -11.19 10.02
CA ALA A 29 -4.85 -12.31 9.07
C ALA A 29 -3.61 -13.16 9.31
N GLY A 30 -2.82 -12.83 10.34
CA GLY A 30 -1.59 -13.57 10.62
C GLY A 30 -0.40 -13.19 9.75
N ILE A 31 -0.51 -12.11 8.99
CA ILE A 31 0.61 -11.59 8.23
C ILE A 31 1.59 -10.86 9.17
N LYS A 32 2.89 -11.08 8.97
CA LYS A 32 3.93 -10.38 9.70
CA LYS A 32 3.93 -10.38 9.71
C LYS A 32 4.15 -9.04 9.01
N VAL A 33 3.75 -7.97 9.67
CA VAL A 33 3.78 -6.64 9.10
C VAL A 33 4.89 -5.82 9.75
N THR A 34 5.72 -5.21 8.91
CA THR A 34 6.70 -4.24 9.34
C THR A 34 6.30 -2.85 8.92
N VAL A 35 6.02 -2.00 9.89
CA VAL A 35 5.78 -0.59 9.68
C VAL A 35 7.16 0.10 9.65
N ALA A 36 7.56 0.51 8.45
CA ALA A 36 8.92 1.03 8.22
C ALA A 36 8.92 2.53 8.01
N GLY A 37 9.70 3.23 8.82
CA GLY A 37 9.77 4.66 8.75
C GLY A 37 10.66 5.10 7.63
N LEU A 38 10.10 5.83 6.67
CA LEU A 38 10.87 6.35 5.54
C LEU A 38 12.14 7.10 6.01
N ALA A 39 11.95 7.99 6.97
CA ALA A 39 12.97 8.92 7.42
C ALA A 39 13.96 8.34 8.42
N GLY A 40 13.69 7.13 8.92
CA GLY A 40 14.47 6.56 10.02
C GLY A 40 13.58 5.88 11.05
N LYS A 41 14.11 5.70 12.26
CA LYS A 41 13.43 4.95 13.33
C LYS A 41 12.46 5.79 14.16
N ASP A 42 12.48 7.12 13.96
CA ASP A 42 11.75 8.01 14.86
C ASP A 42 10.25 8.06 14.54
N PRO A 43 9.46 8.57 15.49
CA PRO A 43 8.01 8.60 15.30
C PRO A 43 7.63 9.50 14.12
N VAL A 44 6.54 9.15 13.46
CA VAL A 44 6.11 9.82 12.24
C VAL A 44 4.81 10.58 12.49
N GLN A 45 4.82 11.86 12.17
CA GLN A 45 3.65 12.74 12.24
C GLN A 45 2.82 12.58 10.99
N CYS A 46 1.71 11.90 11.14
CA CYS A 46 0.78 11.67 10.03
C CYS A 46 -0.02 12.93 9.69
N SER A 47 -0.76 12.86 8.58
CA SER A 47 -1.48 13.99 8.02
C SER A 47 -2.39 14.70 8.99
N ARG A 48 -3.07 13.92 9.84
CA ARG A 48 -4.01 14.51 10.86
C ARG A 48 -3.39 14.45 12.26
N ASP A 49 -2.05 14.49 12.30
CA ASP A 49 -1.28 14.71 13.52
C ASP A 49 -1.25 13.52 14.50
N VAL A 50 -1.81 12.38 14.12
CA VAL A 50 -1.55 11.17 14.84
C VAL A 50 -0.06 10.80 14.64
N VAL A 51 0.61 10.49 15.75
CA VAL A 51 2.02 10.15 15.74
C VAL A 51 2.21 8.66 15.97
N ILE A 52 2.80 7.99 14.99
CA ILE A 52 2.98 6.55 15.00
C ILE A 52 4.46 6.23 15.06
N CYS A 53 4.82 5.30 15.96
CA CYS A 53 6.20 4.83 16.09
C CYS A 53 6.40 3.64 15.17
N PRO A 54 7.27 3.80 14.14
CA PRO A 54 7.50 2.65 13.27
C PRO A 54 8.21 1.50 13.98
N ASP A 55 8.05 0.31 13.41
CA ASP A 55 8.72 -0.89 13.91
C ASP A 55 10.23 -0.83 13.67
N ALA A 56 10.60 -0.15 12.60
CA ALA A 56 11.96 -0.12 12.12
C ALA A 56 12.10 1.04 11.14
N SER A 57 13.34 1.46 10.88
CA SER A 57 13.62 2.34 9.75
C SER A 57 13.43 1.54 8.45
N LEU A 58 13.13 2.26 7.37
CA LEU A 58 13.09 1.64 6.05
C LEU A 58 14.44 1.03 5.68
N GLU A 59 15.51 1.75 6.03
CA GLU A 59 16.87 1.28 5.77
C GLU A 59 17.06 -0.10 6.38
N ASP A 60 16.63 -0.27 7.64
CA ASP A 60 16.78 -1.57 8.29
C ASP A 60 15.80 -2.60 7.74
N ALA A 61 14.55 -2.21 7.50
CA ALA A 61 13.58 -3.16 6.99
C ALA A 61 13.94 -3.70 5.62
N LYS A 62 14.55 -2.85 4.77
CA LYS A 62 14.99 -3.27 3.42
C LYS A 62 15.93 -4.47 3.50
N LYS A 63 16.75 -4.49 4.55
CA LYS A 63 17.74 -5.58 4.70
C LYS A 63 17.08 -6.92 4.95
N GLU A 64 15.83 -6.88 5.46
CA GLU A 64 15.06 -8.07 5.81
C GLU A 64 14.11 -8.48 4.67
N GLY A 65 14.18 -7.79 3.54
CA GLY A 65 13.37 -8.15 2.37
C GLY A 65 13.88 -9.40 1.66
N PRO A 66 13.16 -9.82 0.61
CA PRO A 66 11.93 -9.16 0.10
C PRO A 66 10.65 -9.56 0.85
N TYR A 67 9.58 -8.85 0.51
CA TYR A 67 8.28 -8.99 1.20
C TYR A 67 7.22 -9.48 0.21
N ASP A 68 6.18 -10.16 0.74
CA ASP A 68 5.09 -10.63 -0.10
C ASP A 68 4.20 -9.48 -0.60
N VAL A 69 4.19 -8.36 0.12
CA VAL A 69 3.53 -7.13 -0.35
C VAL A 69 4.29 -5.90 0.17
N VAL A 70 4.34 -4.87 -0.67
CA VAL A 70 4.80 -3.57 -0.28
C VAL A 70 3.56 -2.68 -0.36
N VAL A 71 3.28 -1.97 0.73
CA VAL A 71 2.07 -1.16 0.86
C VAL A 71 2.43 0.31 0.99
N LEU A 72 1.78 1.13 0.15
CA LEU A 72 1.98 2.56 0.15
C LEU A 72 0.67 3.24 0.58
N PRO A 73 0.61 3.73 1.83
CA PRO A 73 -0.51 4.57 2.23
C PRO A 73 -0.57 5.84 1.40
N GLY A 74 -1.69 6.54 1.48
CA GLY A 74 -1.90 7.82 0.86
C GLY A 74 -1.63 8.99 1.79
N GLY A 75 -2.39 10.05 1.59
CA GLY A 75 -2.05 11.38 2.11
C GLY A 75 -1.19 12.08 1.07
N ASN A 76 -1.56 13.28 0.65
CA ASN A 76 -0.80 13.94 -0.43
C ASN A 76 0.68 14.11 -0.07
N LEU A 77 0.96 14.59 1.14
CA LEU A 77 2.33 14.89 1.50
C LEU A 77 3.12 13.58 1.78
N GLY A 78 2.44 12.57 2.34
CA GLY A 78 3.03 11.26 2.46
C GLY A 78 3.43 10.68 1.11
N ALA A 79 2.51 10.74 0.15
CA ALA A 79 2.76 10.20 -1.16
C ALA A 79 3.88 10.96 -1.86
N GLN A 80 3.94 12.28 -1.65
CA GLN A 80 5.01 13.09 -2.23
CA GLN A 80 5.02 13.07 -2.22
C GLN A 80 6.37 12.62 -1.68
N ASN A 81 6.42 12.38 -0.36
CA ASN A 81 7.65 11.92 0.26
C ASN A 81 8.06 10.54 -0.28
N LEU A 82 7.08 9.66 -0.45
CA LEU A 82 7.37 8.36 -1.07
C LEU A 82 7.89 8.50 -2.51
N SER A 83 7.28 9.41 -3.25
CA SER A 83 7.64 9.70 -4.67
C SER A 83 9.04 10.25 -4.86
N GLU A 84 9.53 10.98 -3.86
CA GLU A 84 10.84 11.63 -3.91
C GLU A 84 11.96 10.71 -3.43
N SER A 85 11.61 9.53 -2.91
CA SER A 85 12.58 8.67 -2.25
C SER A 85 13.25 7.66 -3.17
N ALA A 86 14.57 7.76 -3.30
CA ALA A 86 15.35 6.76 -4.03
C ALA A 86 15.26 5.35 -3.38
N ALA A 87 15.16 5.28 -2.06
CA ALA A 87 15.01 4.00 -1.37
C ALA A 87 13.69 3.32 -1.76
N VAL A 88 12.62 4.11 -1.80
CA VAL A 88 11.32 3.61 -2.25
C VAL A 88 11.42 3.11 -3.69
N LYS A 89 12.09 3.90 -4.55
CA LYS A 89 12.25 3.50 -5.94
C LYS A 89 12.86 2.08 -6.03
N GLU A 90 13.94 1.88 -5.28
CA GLU A 90 14.68 0.61 -5.30
C GLU A 90 13.81 -0.56 -4.82
N ILE A 91 13.09 -0.34 -3.71
CA ILE A 91 12.20 -1.35 -3.17
C ILE A 91 11.11 -1.74 -4.16
N LEU A 92 10.50 -0.74 -4.80
CA LEU A 92 9.39 -1.03 -5.70
C LEU A 92 9.87 -1.70 -6.98
N LYS A 93 11.00 -1.24 -7.51
CA LYS A 93 11.60 -1.88 -8.68
C LYS A 93 11.92 -3.35 -8.41
N GLU A 94 12.52 -3.62 -7.26
CA GLU A 94 12.83 -4.99 -6.86
C GLU A 94 11.54 -5.84 -6.78
N GLN A 95 10.54 -5.28 -6.10
CA GLN A 95 9.27 -5.99 -5.99
C GLN A 95 8.61 -6.26 -7.34
N GLU A 96 8.64 -5.26 -8.22
CA GLU A 96 8.08 -5.47 -9.53
C GLU A 96 8.88 -6.55 -10.28
N ASN A 97 10.20 -6.48 -10.20
CA ASN A 97 11.07 -7.42 -10.94
CA ASN A 97 11.02 -7.43 -10.97
C ASN A 97 10.80 -8.87 -10.53
N ARG A 98 10.50 -9.07 -9.23
CA ARG A 98 10.22 -10.41 -8.71
C ARG A 98 8.75 -10.82 -8.77
N LYS A 99 7.91 -9.99 -9.41
CA LYS A 99 6.50 -10.28 -9.58
C LYS A 99 5.78 -10.36 -8.24
N GLY A 100 6.20 -9.54 -7.29
CA GLY A 100 5.49 -9.47 -6.00
C GLY A 100 4.42 -8.38 -6.02
N LEU A 101 3.46 -8.55 -5.12
CA LEU A 101 2.34 -7.63 -4.98
C LEU A 101 2.78 -6.24 -4.47
N ILE A 102 2.21 -5.23 -5.10
CA ILE A 102 2.42 -3.84 -4.71
C ILE A 102 1.03 -3.23 -4.54
N ALA A 103 0.80 -2.61 -3.38
CA ALA A 103 -0.53 -2.13 -3.01
C ALA A 103 -0.43 -0.66 -2.59
N ALA A 104 -1.31 0.19 -3.13
CA ALA A 104 -1.25 1.63 -2.84
C ALA A 104 -2.66 2.22 -2.83
N ILE A 105 -2.87 3.18 -1.93
CA ILE A 105 -4.21 3.74 -1.72
C ILE A 105 -4.20 5.26 -1.68
N CYS A 106 -5.31 5.82 -2.21
CA CYS A 106 -5.59 7.25 -2.14
C CYS A 106 -4.64 7.99 -3.11
N ALA A 107 -3.75 8.85 -2.60
CA ALA A 107 -2.66 9.40 -3.45
C ALA A 107 -1.46 8.47 -3.55
N GLY A 108 -1.39 7.44 -2.72
CA GLY A 108 -0.29 6.48 -2.78
C GLY A 108 0.10 5.99 -4.16
N PRO A 109 -0.89 5.70 -5.05
CA PRO A 109 -0.51 5.19 -6.37
C PRO A 109 0.31 6.19 -7.18
N THR A 110 0.26 7.48 -6.85
CA THR A 110 1.10 8.46 -7.59
C THR A 110 2.61 8.21 -7.42
N ALA A 111 3.00 7.56 -6.32
CA ALA A 111 4.38 7.13 -6.16
C ALA A 111 4.77 6.04 -7.18
N LEU A 112 3.82 5.20 -7.59
CA LEU A 112 4.09 4.25 -8.66
C LEU A 112 4.42 5.02 -9.94
N LEU A 113 3.65 6.07 -10.25
CA LEU A 113 3.96 6.86 -11.43
C LEU A 113 5.37 7.46 -11.30
N ALA A 114 5.68 8.05 -10.14
CA ALA A 114 6.97 8.69 -9.93
C ALA A 114 8.14 7.75 -10.18
N HIS A 115 7.96 6.51 -9.75
CA HIS A 115 9.03 5.51 -9.82
C HIS A 115 8.90 4.57 -11.03
N GLU A 116 8.01 4.92 -11.97
CA GLU A 116 7.77 4.18 -13.21
C GLU A 116 7.46 2.71 -13.02
N ILE A 117 6.52 2.46 -12.11
CA ILE A 117 6.16 1.12 -11.69
C ILE A 117 4.81 0.73 -12.27
N GLY A 118 4.78 -0.43 -12.89
CA GLY A 118 3.53 -1.03 -13.37
C GLY A 118 2.81 -0.29 -14.48
N PHE A 119 3.56 0.46 -15.31
CA PHE A 119 2.95 1.13 -16.43
C PHE A 119 2.15 0.15 -17.28
N GLY A 120 0.98 0.59 -17.73
CA GLY A 120 0.04 -0.23 -18.47
C GLY A 120 -1.06 -0.87 -17.63
N SER A 121 -0.91 -0.83 -16.31
CA SER A 121 -1.91 -1.39 -15.43
C SER A 121 -3.14 -0.52 -15.33
N LYS A 122 -4.28 -1.16 -15.07
CA LYS A 122 -5.48 -0.48 -14.64
C LYS A 122 -5.35 -0.16 -13.15
N VAL A 123 -5.64 1.08 -12.78
CA VAL A 123 -5.47 1.59 -11.44
C VAL A 123 -6.61 2.51 -11.08
N THR A 124 -6.84 2.60 -9.77
CA THR A 124 -7.63 3.67 -9.19
C THR A 124 -6.80 4.50 -8.22
N THR A 125 -7.36 5.65 -7.86
CA THR A 125 -6.79 6.56 -6.88
C THR A 125 -7.93 7.29 -6.20
N HIS A 126 -7.59 8.12 -5.23
CA HIS A 126 -8.58 9.10 -4.78
C HIS A 126 -8.99 9.95 -5.99
N PRO A 127 -10.26 10.35 -6.07
CA PRO A 127 -10.64 11.22 -7.18
C PRO A 127 -9.76 12.46 -7.39
N LEU A 128 -9.30 13.06 -6.31
CA LEU A 128 -8.47 14.26 -6.40
C LEU A 128 -7.06 14.00 -6.88
N ALA A 129 -6.64 12.72 -6.89
CA ALA A 129 -5.31 12.34 -7.36
C ALA A 129 -5.33 11.77 -8.78
N LYS A 130 -6.50 11.70 -9.41
CA LYS A 130 -6.61 11.11 -10.74
CA LYS A 130 -6.62 11.11 -10.74
C LYS A 130 -5.75 11.83 -11.78
N ASP A 131 -5.85 13.15 -11.84
CA ASP A 131 -5.14 13.86 -12.87
C ASP A 131 -3.64 13.66 -12.76
N LYS A 132 -3.11 13.70 -11.54
CA LYS A 132 -1.68 13.44 -11.32
C LYS A 132 -1.30 12.04 -11.81
N MET A 133 -2.07 11.04 -11.40
CA MET A 133 -1.78 9.65 -11.77
C MET A 133 -1.80 9.46 -13.28
N MET A 134 -2.71 10.16 -13.94
CA MET A 134 -2.97 9.96 -15.36
C MET A 134 -2.13 10.84 -16.30
N ASN A 135 -1.20 11.62 -15.75
CA ASN A 135 -0.34 12.49 -16.56
C ASN A 135 0.53 11.61 -17.47
N GLY A 136 0.28 11.73 -18.77
CA GLY A 136 0.96 10.92 -19.77
C GLY A 136 0.21 9.68 -20.22
N GLY A 137 -0.91 9.36 -19.55
CA GLY A 137 -1.73 8.22 -19.92
C GLY A 137 -1.02 6.89 -19.78
N HIS A 138 -0.16 6.76 -18.77
CA HIS A 138 0.66 5.55 -18.60
C HIS A 138 -0.09 4.39 -17.94
N TYR A 139 -1.21 4.71 -17.33
CA TYR A 139 -2.10 3.74 -16.74
C TYR A 139 -3.48 3.94 -17.32
N THR A 140 -4.34 2.94 -17.12
CA THR A 140 -5.74 3.04 -17.43
C THR A 140 -6.53 3.26 -16.15
N TYR A 141 -7.38 4.29 -16.13
CA TYR A 141 -8.06 4.68 -14.91
C TYR A 141 -9.33 3.90 -14.66
N SER A 142 -9.56 3.60 -13.38
CA SER A 142 -10.72 2.91 -12.92
C SER A 142 -11.37 3.65 -11.75
N GLU A 143 -12.71 3.57 -11.64
CA GLU A 143 -13.46 4.11 -10.52
C GLU A 143 -13.87 3.03 -9.53
N ASN A 144 -13.34 1.81 -9.70
CA ASN A 144 -13.64 0.77 -8.72
C ASN A 144 -13.01 1.10 -7.37
N ARG A 145 -13.70 0.69 -6.31
CA ARG A 145 -13.25 0.99 -4.96
C ARG A 145 -11.89 0.38 -4.63
N VAL A 146 -11.68 -0.84 -5.14
CA VAL A 146 -10.41 -1.54 -5.17
C VAL A 146 -10.22 -2.05 -6.61
N GLU A 147 -9.02 -1.88 -7.12
CA GLU A 147 -8.68 -2.34 -8.46
C GLU A 147 -7.45 -3.22 -8.35
N LYS A 148 -7.45 -4.33 -9.05
CA LYS A 148 -6.26 -5.17 -9.13
CA LYS A 148 -6.23 -5.12 -9.16
C LYS A 148 -5.93 -5.52 -10.61
N ASP A 149 -4.71 -5.24 -11.05
N ASP A 149 -4.79 -5.12 -11.08
CA ASP A 149 -4.27 -5.52 -12.43
CA ASP A 149 -4.34 -5.62 -12.33
C ASP A 149 -2.73 -5.73 -12.53
C ASP A 149 -3.15 -6.45 -11.93
N GLY A 150 -2.30 -6.83 -13.14
N GLY A 150 -3.31 -7.77 -11.91
CA GLY A 150 -0.88 -7.22 -13.09
CA GLY A 150 -2.20 -8.64 -11.56
C GLY A 150 -0.44 -7.42 -11.65
C GLY A 150 -1.60 -8.34 -10.20
N LEU A 151 0.58 -6.65 -11.25
N LEU A 151 -0.37 -7.83 -10.19
CA LEU A 151 1.17 -6.75 -9.90
CA LEU A 151 0.32 -7.44 -8.96
C LEU A 151 0.48 -5.86 -8.87
C LEU A 151 0.35 -5.91 -8.67
N ILE A 152 -0.45 -5.08 -9.36
CA ILE A 152 -0.74 -3.74 -8.83
C ILE A 152 -2.16 -3.69 -8.30
N LEU A 153 -2.25 -3.44 -6.98
CA LEU A 153 -3.50 -3.39 -6.26
CA LEU A 153 -3.52 -3.38 -6.27
C LEU A 153 -3.67 -1.96 -5.74
N THR A 154 -4.73 -1.28 -6.16
CA THR A 154 -4.93 0.11 -5.79
C THR A 154 -6.31 0.32 -5.19
N SER A 155 -6.46 1.42 -4.47
CA SER A 155 -7.77 1.75 -3.87
C SER A 155 -7.86 3.26 -3.64
N ARG A 156 -9.03 3.71 -3.24
CA ARG A 156 -9.37 5.13 -3.39
C ARG A 156 -9.22 6.04 -2.19
N GLY A 157 -9.49 5.56 -0.97
CA GLY A 157 -9.50 6.49 0.15
C GLY A 157 -9.66 5.85 1.51
N PRO A 158 -9.78 6.68 2.55
CA PRO A 158 -9.98 6.14 3.89
C PRO A 158 -11.18 5.18 3.95
N GLY A 159 -12.27 5.57 3.27
CA GLY A 159 -13.47 4.75 3.24
C GLY A 159 -13.45 3.50 2.42
N THR A 160 -12.35 3.28 1.68
CA THR A 160 -12.12 2.00 0.99
C THR A 160 -10.98 1.20 1.64
N SER A 161 -10.48 1.66 2.81
CA SER A 161 -9.30 1.06 3.43
C SER A 161 -9.54 -0.37 3.91
N PHE A 162 -10.73 -0.65 4.44
CA PHE A 162 -11.02 -2.04 4.84
C PHE A 162 -11.05 -2.97 3.63
N GLU A 163 -11.73 -2.53 2.56
CA GLU A 163 -11.79 -3.31 1.34
C GLU A 163 -10.39 -3.55 0.75
N PHE A 164 -9.58 -2.51 0.74
CA PHE A 164 -8.18 -2.57 0.29
C PHE A 164 -7.39 -3.58 1.11
N ALA A 165 -7.51 -3.47 2.43
CA ALA A 165 -6.76 -4.36 3.31
C ALA A 165 -7.20 -5.83 3.13
N LEU A 166 -8.50 -6.04 3.02
CA LEU A 166 -9.03 -7.38 2.83
C LEU A 166 -8.67 -7.96 1.47
N ALA A 167 -8.54 -7.10 0.45
CA ALA A 167 -8.07 -7.57 -0.84
C ALA A 167 -6.59 -8.04 -0.74
N ILE A 168 -5.77 -7.33 0.01
CA ILE A 168 -4.37 -7.76 0.28
C ILE A 168 -4.41 -9.13 0.96
N VAL A 169 -5.23 -9.25 2.00
CA VAL A 169 -5.33 -10.49 2.71
C VAL A 169 -5.75 -11.64 1.78
N GLU A 170 -6.73 -11.39 0.93
CA GLU A 170 -7.17 -12.40 -0.01
C GLU A 170 -6.05 -12.81 -0.97
N ALA A 171 -5.29 -11.83 -1.46
CA ALA A 171 -4.19 -12.12 -2.38
C ALA A 171 -3.11 -12.98 -1.74
N LEU A 172 -2.84 -12.73 -0.46
CA LEU A 172 -1.76 -13.41 0.22
C LEU A 172 -2.17 -14.72 0.89
N ASN A 173 -3.33 -14.70 1.54
CA ASN A 173 -3.75 -15.80 2.38
C ASN A 173 -5.03 -16.52 1.94
N GLY A 174 -5.71 -16.01 0.91
CA GLY A 174 -6.86 -16.66 0.35
C GLY A 174 -8.18 -16.06 0.80
N LYS A 175 -9.19 -16.38 0.03
CA LYS A 175 -10.51 -15.87 0.28
CA LYS A 175 -10.57 -15.93 0.27
C LYS A 175 -11.15 -16.27 1.66
N GLU A 176 -10.89 -17.50 2.08
CA GLU A 176 -11.51 -17.96 3.33
CA GLU A 176 -11.44 -18.02 3.34
C GLU A 176 -10.90 -17.20 4.51
N VAL A 177 -9.58 -17.01 4.54
CA VAL A 177 -8.96 -16.21 5.61
C VAL A 177 -9.51 -14.78 5.59
N ALA A 178 -9.60 -14.17 4.41
CA ALA A 178 -10.13 -12.81 4.33
C ALA A 178 -11.57 -12.76 4.92
N ALA A 179 -12.41 -13.73 4.57
CA ALA A 179 -13.76 -13.79 5.11
C ALA A 179 -13.80 -13.95 6.62
N GLN A 180 -12.92 -14.80 7.15
CA GLN A 180 -12.84 -15.01 8.59
C GLN A 180 -12.38 -13.75 9.32
N VAL A 181 -11.42 -13.02 8.75
CA VAL A 181 -10.93 -11.78 9.35
C VAL A 181 -12.04 -10.70 9.26
N LYS A 182 -12.76 -10.69 8.15
CA LYS A 182 -13.80 -9.68 7.93
CA LYS A 182 -13.81 -9.67 7.93
C LYS A 182 -14.95 -9.73 8.95
N ALA A 183 -15.40 -10.94 9.27
CA ALA A 183 -16.67 -11.08 10.01
C ALA A 183 -16.68 -10.33 11.35
N PRO A 184 -15.60 -10.45 12.15
CA PRO A 184 -15.69 -9.78 13.45
C PRO A 184 -15.56 -8.26 13.39
N LEU A 185 -15.27 -7.70 12.20
CA LEU A 185 -15.07 -6.26 12.09
C LEU A 185 -16.36 -5.43 12.09
N VAL A 186 -17.49 -6.08 11.86
CA VAL A 186 -18.77 -5.38 11.79
C VAL A 186 -18.78 -4.37 10.63
N LEU A 187 -18.32 -4.83 9.48
CA LEU A 187 -18.40 -4.03 8.25
C LEU A 187 -19.82 -4.02 7.68
N LYS A 188 -20.13 -3.01 6.86
CA LYS A 188 -21.39 -2.98 6.10
C LYS A 188 -21.31 -4.07 5.05
#